data_6U81
#
_entry.id   6U81
#
_cell.length_a   71.640
_cell.length_b   73.190
_cell.length_c   108.070
_cell.angle_alpha   90.000
_cell.angle_beta   90.000
_cell.angle_gamma   90.000
#
_symmetry.space_group_name_H-M   'C 2 2 21'
#
loop_
_entity.id
_entity.type
_entity.pdbx_description
1 polymer 'Double homeobox protein 4'
2 polymer "DNA (5'-D(*GP*CP*GP*TP*AP*AP*TP*CP*TP*AP*AP*TP*CP*AP*AP*CP*A)-3')"
3 polymer "DNA (5'-D(*TP*GP*TP*TP*GP*AP*TP*TP*AP*GP*CP*CP*CP*AP*TP*TP*AP*CP*GP*C)-3')"
4 non-polymer 1,2-ETHANEDIOL
5 water water
#
loop_
_entity_poly.entity_id
_entity_poly.type
_entity_poly.pdbx_seq_one_letter_code
_entity_poly.pdbx_strand_id
1 'polypeptide(L)'
;GRRRRLVWTPSQSEALRACFERNPYPGIATRERLAQAIGIPEPRVQIWFQNERSRQLRQHRRESRPWPGRRGPPEGRRKR
TAVTGSQTALLLRAFEKDRFPGIAAREELARETGLPESRIQIWFQNRRARHP
;
A
2 'polydeoxyribonucleotide' (DG)(DC)(DG)(DT)(DA)(DA)(DT)(DC)(DT)(DA)(DA)(DT)(DC)(DA)(DA)(DC)(DA) B
3 'polydeoxyribonucleotide' (DT)(DG)(DT)(DT)(DG)(DA)(DT)(DT)(DA)(DG)(DC)(DC)(DC)(DA)(DT)(DT)(DA)(DC)(DG)(DC) C
#
loop_
_chem_comp.id
_chem_comp.type
_chem_comp.name
_chem_comp.formula
DA DNA linking 2'-DEOXYADENOSINE-5'-MONOPHOSPHATE 'C10 H14 N5 O6 P'
DC DNA linking 2'-DEOXYCYTIDINE-5'-MONOPHOSPHATE 'C9 H14 N3 O7 P'
DG DNA linking 2'-DEOXYGUANOSINE-5'-MONOPHOSPHATE 'C10 H14 N5 O7 P'
DT DNA linking THYMIDINE-5'-MONOPHOSPHATE 'C10 H15 N2 O8 P'
EDO non-polymer 1,2-ETHANEDIOL 'C2 H6 O2'
#
# COMPACT_ATOMS: atom_id res chain seq x y z
N GLY A 1 18.25 -2.14 -2.86
CA GLY A 1 17.50 -2.85 -3.89
C GLY A 1 16.00 -2.81 -3.62
N ARG A 2 15.28 -2.04 -4.43
CA ARG A 2 13.84 -1.88 -4.25
C ARG A 2 13.09 -2.89 -5.13
N ARG A 3 11.78 -2.96 -4.90
CA ARG A 3 10.93 -3.88 -5.63
C ARG A 3 10.98 -3.62 -7.13
N ARG A 4 11.10 -4.69 -7.91
CA ARG A 4 11.04 -4.58 -9.36
C ARG A 4 9.67 -4.08 -9.79
N ARG A 5 9.60 -2.82 -10.21
CA ARG A 5 8.33 -2.22 -10.56
C ARG A 5 7.59 -3.08 -11.57
N LEU A 6 6.26 -3.07 -11.49
CA LEU A 6 5.41 -3.86 -12.36
C LEU A 6 4.81 -2.97 -13.45
N VAL A 7 4.46 -3.60 -14.58
CA VAL A 7 3.96 -2.89 -15.75
C VAL A 7 2.48 -3.26 -15.93
N TRP A 8 1.59 -2.30 -15.72
CA TRP A 8 0.17 -2.54 -15.93
C TRP A 8 -0.10 -2.90 -17.38
N THR A 9 -1.05 -3.81 -17.59
CA THR A 9 -1.53 -4.04 -18.94
C THR A 9 -2.58 -3.00 -19.28
N PRO A 10 -2.87 -2.81 -20.56
CA PRO A 10 -3.93 -1.86 -20.92
C PRO A 10 -5.26 -2.16 -20.22
N SER A 11 -5.67 -3.42 -20.15
CA SER A 11 -6.94 -3.72 -19.51
C SER A 11 -6.88 -3.52 -18.00
N GLN A 12 -5.72 -3.77 -17.40
CA GLN A 12 -5.56 -3.49 -15.97
C GLN A 12 -5.68 -1.99 -15.69
N SER A 13 -5.03 -1.17 -16.51
CA SER A 13 -5.09 0.27 -16.31
C SER A 13 -6.51 0.81 -16.47
N GLU A 14 -7.29 0.22 -17.37
CA GLU A 14 -8.68 0.67 -17.52
C GLU A 14 -9.49 0.34 -16.28
N ALA A 15 -9.30 -0.85 -15.71
CA ALA A 15 -10.05 -1.23 -14.53
C ALA A 15 -9.66 -0.36 -13.34
N LEU A 16 -8.38 -0.01 -13.22
CA LEU A 16 -7.95 0.90 -12.15
C LEU A 16 -8.60 2.28 -12.33
N ARG A 17 -8.50 2.85 -13.53
CA ARG A 17 -9.11 4.15 -13.78
C ARG A 17 -10.61 4.11 -13.50
N ALA A 18 -11.30 3.08 -14.01
CA ALA A 18 -12.75 2.99 -13.81
C ALA A 18 -13.09 2.97 -12.33
N CYS A 19 -12.49 2.05 -11.57
CA CYS A 19 -12.76 1.99 -10.15
C CYS A 19 -12.38 3.28 -9.43
N PHE A 20 -11.37 3.98 -9.95
CA PHE A 20 -10.98 5.26 -9.34
C PHE A 20 -12.03 6.33 -9.56
N GLU A 21 -12.70 6.30 -10.70
CA GLU A 21 -13.79 7.25 -10.94
C GLU A 21 -14.99 6.90 -10.08
N ARG A 22 -15.28 5.61 -9.92
CA ARG A 22 -16.34 5.18 -9.01
C ARG A 22 -16.08 5.73 -7.61
N ASN A 23 -14.95 5.37 -7.02
CA ASN A 23 -14.56 5.91 -5.72
C ASN A 23 -13.05 5.95 -5.62
N PRO A 24 -12.44 7.13 -5.45
CA PRO A 24 -10.99 7.22 -5.31
C PRO A 24 -10.47 6.95 -3.90
N TYR A 25 -11.33 6.56 -2.96
CA TYR A 25 -10.92 6.20 -1.60
C TYR A 25 -11.47 4.83 -1.26
N PRO A 26 -11.09 3.81 -2.02
CA PRO A 26 -11.64 2.48 -1.78
C PRO A 26 -11.14 1.89 -0.47
N GLY A 27 -12.03 1.14 0.18
CA GLY A 27 -11.66 0.39 1.36
C GLY A 27 -10.94 -0.89 1.00
N ILE A 28 -10.57 -1.64 2.05
CA ILE A 28 -9.84 -2.89 1.83
C ILE A 28 -10.67 -3.85 1.00
N ALA A 29 -11.97 -3.93 1.26
CA ALA A 29 -12.81 -4.87 0.52
C ALA A 29 -12.82 -4.52 -0.96
N THR A 30 -13.01 -3.25 -1.29
CA THR A 30 -12.99 -2.84 -2.69
C THR A 30 -11.66 -3.18 -3.34
N ARG A 31 -10.56 -2.81 -2.68
CA ARG A 31 -9.24 -3.06 -3.24
C ARG A 31 -9.03 -4.55 -3.50
N GLU A 32 -9.33 -5.39 -2.51
CA GLU A 32 -9.20 -6.84 -2.69
C GLU A 32 -10.14 -7.33 -3.79
N ARG A 33 -11.33 -6.74 -3.89
CA ARG A 33 -12.25 -7.11 -4.96
C ARG A 33 -11.66 -6.75 -6.32
N LEU A 34 -11.02 -5.59 -6.42
CA LEU A 34 -10.39 -5.20 -7.67
C LEU A 34 -9.11 -6.00 -7.91
N ALA A 35 -8.30 -6.17 -6.86
CA ALA A 35 -7.07 -6.94 -6.99
C ALA A 35 -7.34 -8.31 -7.59
N GLN A 36 -8.37 -9.00 -7.10
CA GLN A 36 -8.69 -10.33 -7.61
C GLN A 36 -9.27 -10.27 -9.02
N ALA A 37 -9.90 -9.15 -9.38
CA ALA A 37 -10.49 -9.05 -10.71
C ALA A 37 -9.42 -8.92 -11.80
N ILE A 38 -8.32 -8.22 -11.51
CA ILE A 38 -7.33 -7.89 -12.52
C ILE A 38 -6.03 -8.66 -12.36
N GLY A 39 -5.84 -9.39 -11.27
CA GLY A 39 -4.71 -10.30 -11.17
C GLY A 39 -3.42 -9.69 -10.67
N ILE A 40 -3.51 -8.75 -9.72
CA ILE A 40 -2.32 -8.27 -9.02
C ILE A 40 -2.65 -8.08 -7.56
N PRO A 41 -1.64 -8.23 -6.70
CA PRO A 41 -1.91 -8.21 -5.26
C PRO A 41 -2.52 -6.89 -4.82
N GLU A 42 -3.33 -6.96 -3.76
CA GLU A 42 -3.95 -5.75 -3.25
C GLU A 42 -2.95 -4.69 -2.85
N PRO A 43 -1.82 -5.01 -2.22
CA PRO A 43 -0.83 -3.97 -1.92
C PRO A 43 -0.48 -3.13 -3.13
N ARG A 44 -0.36 -3.76 -4.30
CA ARG A 44 -0.10 -3.00 -5.51
C ARG A 44 -1.26 -2.07 -5.84
N VAL A 45 -2.49 -2.55 -5.69
CA VAL A 45 -3.65 -1.70 -5.94
C VAL A 45 -3.64 -0.52 -4.99
N GLN A 46 -3.38 -0.78 -3.70
CA GLN A 46 -3.35 0.30 -2.72
C GLN A 46 -2.34 1.37 -3.13
N ILE A 47 -1.13 0.95 -3.48
CA ILE A 47 -0.10 1.90 -3.91
C ILE A 47 -0.61 2.71 -5.10
N TRP A 48 -1.18 2.03 -6.10
CA TRP A 48 -1.64 2.74 -7.28
C TRP A 48 -2.62 3.83 -6.92
N PHE A 49 -3.60 3.52 -6.06
CA PHE A 49 -4.57 4.53 -5.66
C PHE A 49 -3.89 5.68 -4.93
N GLN A 50 -2.92 5.36 -4.07
CA GLN A 50 -2.21 6.41 -3.36
C GLN A 50 -1.45 7.30 -4.34
N ASN A 51 -0.82 6.70 -5.34
CA ASN A 51 -0.11 7.48 -6.35
C ASN A 51 -1.08 8.20 -7.26
N GLU A 52 -2.17 7.53 -7.65
CA GLU A 52 -3.11 8.16 -8.56
C GLU A 52 -3.73 9.40 -7.91
N ARG A 53 -4.15 9.28 -6.65
CA ARG A 53 -4.66 10.46 -5.94
C ARG A 53 -3.62 11.57 -5.94
N SER A 54 -2.37 11.25 -5.57
CA SER A 54 -1.33 12.26 -5.57
C SER A 54 -1.14 12.86 -6.95
N ARG A 55 -1.22 12.04 -8.00
CA ARG A 55 -1.19 12.57 -9.35
C ARG A 55 -2.38 13.48 -9.61
N GLN A 56 -3.57 13.07 -9.18
CA GLN A 56 -4.75 13.89 -9.42
C GLN A 56 -4.73 15.16 -8.60
N LEU A 57 -4.28 15.08 -7.35
CA LEU A 57 -4.19 16.27 -6.52
C LEU A 57 -3.24 17.29 -7.13
N ARG A 58 -2.10 16.83 -7.65
CA ARG A 58 -1.18 17.74 -8.31
C ARG A 58 -1.80 18.38 -9.54
N GLN A 59 -2.67 17.66 -10.24
CA GLN A 59 -3.24 18.18 -11.48
C GLN A 59 -4.37 19.16 -11.22
N HIS A 60 -5.36 18.76 -10.40
CA HIS A 60 -6.44 19.66 -10.06
C HIS A 60 -5.90 20.99 -9.54
N ARG A 61 -4.79 20.95 -8.80
CA ARG A 61 -4.21 22.19 -8.29
C ARG A 61 -3.58 23.00 -9.40
N ARG A 62 -3.03 22.35 -10.42
CA ARG A 62 -2.51 23.08 -11.58
C ARG A 62 -3.65 23.67 -12.40
N GLU A 63 -4.75 22.92 -12.57
CA GLU A 63 -5.92 23.41 -13.28
C GLU A 63 -6.75 24.39 -12.48
N SER A 64 -6.38 24.65 -11.22
CA SER A 64 -7.18 25.50 -10.34
C SER A 64 -8.60 24.97 -10.19
N ARG A 65 -8.80 23.65 -10.42
CA ARG A 65 -10.09 23.02 -10.22
C ARG A 65 -10.17 22.39 -8.83
N PRO A 66 -11.26 22.57 -8.09
CA PRO A 66 -11.32 22.01 -6.74
C PRO A 66 -11.34 20.50 -6.75
N TRP A 67 -10.73 19.91 -5.73
CA TRP A 67 -10.67 18.46 -5.61
C TRP A 67 -11.91 17.96 -4.86
N PRO A 68 -12.70 17.05 -5.44
CA PRO A 68 -13.94 16.61 -4.76
C PRO A 68 -13.69 16.06 -3.36
N GLY A 69 -12.89 15.01 -3.27
CA GLY A 69 -12.58 14.41 -1.99
C GLY A 69 -13.39 13.18 -1.69
N ARG A 70 -13.43 12.83 -0.41
CA ARG A 70 -14.12 11.62 0.05
C ARG A 70 -15.62 11.81 -0.13
N ARG A 71 -16.15 11.25 -1.22
CA ARG A 71 -17.59 11.28 -1.48
C ARG A 71 -18.20 9.95 -1.07
N GLY A 72 -19.30 10.03 -0.32
CA GLY A 72 -19.92 8.85 0.24
C GLY A 72 -19.28 8.45 1.56
N PRO A 73 -19.94 7.59 2.31
CA PRO A 73 -19.39 7.15 3.61
C PRO A 73 -18.01 6.54 3.42
N PRO A 74 -17.08 6.81 4.35
CA PRO A 74 -15.74 6.20 4.23
C PRO A 74 -15.81 4.69 4.34
N GLU A 75 -15.16 4.01 3.39
CA GLU A 75 -15.21 2.57 3.37
C GLU A 75 -14.31 1.99 4.45
N GLY A 76 -14.55 0.71 4.78
CA GLY A 76 -13.87 0.10 5.90
C GLY A 76 -12.37 -0.05 5.66
N ARG A 77 -11.59 0.24 6.71
CA ARG A 77 -10.15 0.09 6.67
C ARG A 77 -9.76 -1.39 6.70
N ARG A 78 -8.46 -1.64 6.62
CA ARG A 78 -7.93 -2.97 6.83
C ARG A 78 -7.98 -3.31 8.32
N LYS A 79 -8.14 -4.59 8.61
CA LYS A 79 -8.05 -5.05 9.99
C LYS A 79 -6.67 -4.76 10.54
N ARG A 80 -6.62 -4.11 11.71
CA ARG A 80 -5.35 -3.85 12.38
C ARG A 80 -4.56 -5.14 12.54
N THR A 81 -3.54 -5.31 11.70
CA THR A 81 -2.71 -6.51 11.76
C THR A 81 -2.21 -6.75 13.17
N ALA A 82 -2.46 -7.96 13.68
CA ALA A 82 -1.96 -8.36 14.98
C ALA A 82 -0.54 -8.91 14.82
N VAL A 83 0.39 -8.36 15.60
CA VAL A 83 1.79 -8.76 15.54
C VAL A 83 2.18 -9.29 16.92
N THR A 84 2.64 -10.54 16.96
CA THR A 84 2.99 -11.16 18.22
C THR A 84 4.30 -10.57 18.76
N GLY A 85 4.60 -10.89 20.01
CA GLY A 85 5.82 -10.41 20.63
C GLY A 85 7.07 -10.93 19.95
N SER A 86 7.04 -12.18 19.51
CA SER A 86 8.20 -12.74 18.82
C SER A 86 8.36 -12.12 17.44
N GLN A 87 7.26 -11.99 16.70
CA GLN A 87 7.30 -11.26 15.43
C GLN A 87 7.92 -9.88 15.64
N THR A 88 7.54 -9.18 16.71
CA THR A 88 8.13 -7.88 16.98
C THR A 88 9.63 -7.99 17.22
N ALA A 89 10.04 -9.01 17.99
CA ALA A 89 11.46 -9.15 18.33
C ALA A 89 12.31 -9.30 17.08
N LEU A 90 11.81 -9.99 16.06
CA LEU A 90 12.55 -10.14 14.81
C LEU A 90 12.67 -8.82 14.07
N LEU A 91 11.57 -8.05 14.03
CA LEU A 91 11.61 -6.76 13.36
C LEU A 91 12.56 -5.80 14.08
N LEU A 92 12.60 -5.87 15.42
CA LEU A 92 13.52 -5.01 16.16
C LEU A 92 14.97 -5.38 15.86
N ARG A 93 15.27 -6.67 15.76
CA ARG A 93 16.64 -7.07 15.42
C ARG A 93 16.97 -6.70 13.98
N ALA A 94 16.03 -6.91 13.06
CA ALA A 94 16.24 -6.48 11.69
C ALA A 94 16.35 -4.97 11.60
N PHE A 95 15.73 -4.25 12.53
CA PHE A 95 15.70 -2.79 12.48
C PHE A 95 17.02 -2.18 12.97
N GLU A 96 17.60 -2.73 14.03
CA GLU A 96 18.90 -2.24 14.50
C GLU A 96 20.01 -2.50 13.49
N LYS A 97 19.88 -3.57 12.70
CA LYS A 97 20.87 -3.84 11.66
C LYS A 97 20.70 -2.87 10.49
N ASP A 98 19.47 -2.73 9.99
CA ASP A 98 19.21 -1.91 8.81
C ASP A 98 17.83 -1.29 8.93
N ARG A 99 17.77 0.02 9.14
CA ARG A 99 16.49 0.72 9.21
C ARG A 99 15.76 0.68 7.86
N PHE A 100 16.50 0.62 6.75
CA PHE A 100 15.92 0.69 5.42
C PHE A 100 16.08 -0.64 4.69
N PRO A 101 15.41 -1.70 5.13
CA PRO A 101 15.48 -2.97 4.39
C PRO A 101 14.96 -2.83 2.97
N GLY A 102 15.62 -3.51 2.04
CA GLY A 102 15.15 -3.57 0.68
C GLY A 102 14.10 -4.65 0.51
N ILE A 103 13.68 -4.83 -0.73
CA ILE A 103 12.66 -5.85 -1.01
C ILE A 103 13.19 -7.24 -0.64
N ALA A 104 14.50 -7.46 -0.80
CA ALA A 104 15.08 -8.74 -0.42
C ALA A 104 14.95 -8.97 1.08
N ALA A 105 15.38 -7.99 1.89
CA ALA A 105 15.29 -8.14 3.33
C ALA A 105 13.85 -8.28 3.79
N ARG A 106 12.94 -7.48 3.25
CA ARG A 106 11.54 -7.53 3.69
C ARG A 106 10.90 -8.87 3.38
N GLU A 107 11.13 -9.40 2.18
CA GLU A 107 10.50 -10.65 1.79
C GLU A 107 10.97 -11.83 2.63
N GLU A 108 12.17 -11.76 3.20
CA GLU A 108 12.62 -12.83 4.10
C GLU A 108 11.99 -12.69 5.48
N LEU A 109 11.83 -11.46 5.97
CA LEU A 109 11.12 -11.27 7.24
C LEU A 109 9.71 -11.82 7.17
N ALA A 110 9.07 -11.69 6.00
CA ALA A 110 7.74 -12.25 5.82
C ALA A 110 7.73 -13.77 5.90
N ARG A 111 8.86 -14.41 5.62
CA ARG A 111 8.96 -15.84 5.86
C ARG A 111 9.25 -16.12 7.33
N GLU A 112 10.22 -15.41 7.90
CA GLU A 112 10.59 -15.61 9.30
C GLU A 112 9.54 -15.15 10.30
N THR A 113 8.43 -14.55 9.84
CA THR A 113 7.42 -14.08 10.77
C THR A 113 6.02 -14.59 10.39
N GLY A 114 5.79 -14.81 9.10
CA GLY A 114 4.46 -15.07 8.61
C GLY A 114 3.64 -13.82 8.35
N LEU A 115 4.22 -12.66 8.53
CA LEU A 115 3.54 -11.40 8.26
C LEU A 115 3.58 -11.08 6.76
N PRO A 116 2.53 -10.45 6.23
CA PRO A 116 2.61 -9.98 4.85
C PRO A 116 3.72 -8.95 4.70
N GLU A 117 4.48 -9.10 3.61
CA GLU A 117 5.56 -8.16 3.34
C GLU A 117 5.04 -6.72 3.34
N SER A 118 3.84 -6.52 2.80
CA SER A 118 3.29 -5.17 2.76
C SER A 118 3.17 -4.59 4.17
N ARG A 119 2.79 -5.42 5.14
CA ARG A 119 2.67 -4.94 6.51
C ARG A 119 4.03 -4.72 7.15
N ILE A 120 5.01 -5.56 6.83
CA ILE A 120 6.37 -5.36 7.31
C ILE A 120 6.91 -4.02 6.83
N GLN A 121 6.64 -3.69 5.56
CA GLN A 121 7.09 -2.40 5.05
C GLN A 121 6.48 -1.26 5.86
N ILE A 122 5.19 -1.36 6.19
CA ILE A 122 4.54 -0.31 6.96
C ILE A 122 5.14 -0.25 8.37
N TRP A 123 5.43 -1.41 8.96
CA TRP A 123 6.03 -1.43 10.29
C TRP A 123 7.32 -0.61 10.32
N PHE A 124 8.20 -0.80 9.33
CA PHE A 124 9.44 -0.04 9.29
C PHE A 124 9.19 1.44 9.09
N GLN A 125 8.21 1.80 8.26
CA GLN A 125 7.86 3.20 8.11
C GLN A 125 7.52 3.83 9.45
N ASN A 126 6.60 3.20 10.19
CA ASN A 126 6.19 3.72 11.50
C ASN A 126 7.35 3.70 12.49
N ARG A 127 8.18 2.66 12.44
CA ARG A 127 9.29 2.55 13.38
C ARG A 127 10.32 3.67 13.15
N ARG A 128 10.79 3.81 11.91
CA ARG A 128 11.71 4.89 11.58
C ARG A 128 11.16 6.24 12.02
N ALA A 129 9.84 6.41 11.91
CA ALA A 129 9.24 7.70 12.24
C ALA A 129 9.27 7.96 13.74
N ARG A 130 9.17 6.90 14.55
CA ARG A 130 8.99 7.04 16.00
C ARG A 130 10.24 6.66 16.78
N HIS A 131 11.39 6.52 16.12
CA HIS A 131 12.65 6.16 16.78
C HIS A 131 13.82 6.69 15.98
N PRO A 132 14.06 8.01 16.02
CA PRO A 132 15.27 8.58 15.41
C PRO A 132 16.55 8.09 16.10
C1 EDO D . 18.12 3.88 1.25
O1 EDO D . 18.55 5.05 1.94
C2 EDO D . 19.06 2.72 1.55
O2 EDO D . 18.51 1.53 0.96
H11 EDO D . 18.10 4.06 0.18
H12 EDO D . 17.11 3.62 1.56
HO1 EDO D . 17.94 5.78 1.74
H21 EDO D . 19.17 2.59 2.63
H22 EDO D . 20.05 2.91 1.14
HO2 EDO D . 19.10 1.22 0.27
C1 EDO E . 6.29 -1.91 17.99
O1 EDO E . 5.94 -3.22 17.52
C2 EDO E . 6.98 -1.11 16.90
O2 EDO E . 6.97 0.29 17.21
H11 EDO E . 6.96 -2.00 18.86
H12 EDO E . 5.39 -1.39 18.31
HO1 EDO E . 5.51 -3.72 18.22
H21 EDO E . 6.48 -1.28 15.94
H22 EDO E . 8.02 -1.45 16.78
HO2 EDO E . 7.54 0.77 16.58
#